data_4Q1Z
#
_entry.id   4Q1Z
#
_cell.length_a   76.202
_cell.length_b   76.202
_cell.length_c   174.721
_cell.angle_alpha   90.000
_cell.angle_beta   90.000
_cell.angle_gamma   120.000
#
_symmetry.space_group_name_H-M   'P 32 2 1'
#
loop_
_entity.id
_entity.type
_entity.pdbx_description
1 polymer 'Putative lipoprotein'
2 non-polymer 'UNKNOWN ATOM OR ION'
3 non-polymer DI(HYDROXYETHYL)ETHER
4 non-polymer 'TRIETHYLENE GLYCOL'
5 water water
#
_entity_poly.entity_id   1
_entity_poly.type   'polypeptide(L)'
_entity_poly.pdbx_seq_one_letter_code
;G(MSE)SGTAEVNPITVDVYLDITVENISTLKDLTVKFDNYDEDLHYVKEVTDNSVKVDGIIPGIYSVTVSGTAIDTENN
EYYINGNSVNAALFKHGSALNIEVQGLKVSPLIFKEIYYCGSRPEKGGVYFRDQFYEIYNNSADILYLDGIYFANLTPGT
ATTKLPIWPEADGNNYAYGERVWKFPGNGTEYPLAPGESCIISQFAANHQLDIYNPQSPIDGSSSEFEFN(MSE)NNPNF
PDQAAYD(MSE)QHVFYQGKAE(MSE)GSIPQYLTSVFGGAYVIFRVPEGEAWDPVNDEN(MSE)KTTDLSKPNSNVYYA
KIPIKYVLDAVEAVNNESK(MSE)NAKRVPGVLDAGITWVGATYCGLGIARKLSTDEEGNPIIREETGTYIYQDTNNSTD
DFERGVVPV(MSE)RRNGAK(MSE)PSWNHTL
;
_entity_poly.pdbx_strand_id   A
#
# COMPACT_ATOMS: atom_id res chain seq x y z
N PRO A 10 -38.93 -21.01 17.40
CA PRO A 10 -37.82 -20.30 18.06
C PRO A 10 -36.81 -21.30 18.68
N ILE A 11 -35.58 -21.37 18.12
CA ILE A 11 -34.53 -22.30 18.58
C ILE A 11 -33.15 -21.62 18.72
N THR A 12 -32.21 -22.30 19.42
CA THR A 12 -30.82 -21.82 19.57
C THR A 12 -29.92 -22.80 18.81
N VAL A 13 -29.00 -22.26 17.97
CA VAL A 13 -28.09 -23.04 17.13
C VAL A 13 -26.63 -22.76 17.51
N ASP A 14 -25.89 -23.84 17.83
CA ASP A 14 -24.47 -23.81 18.15
C ASP A 14 -23.68 -23.76 16.86
N VAL A 15 -22.81 -22.74 16.71
CA VAL A 15 -22.01 -22.52 15.52
C VAL A 15 -20.54 -22.71 15.91
N TYR A 16 -19.77 -23.47 15.10
CA TYR A 16 -18.33 -23.73 15.31
C TYR A 16 -17.57 -23.31 14.07
N LEU A 17 -16.61 -22.39 14.24
CA LEU A 17 -15.83 -21.88 13.14
C LEU A 17 -14.46 -22.53 13.10
N ASP A 18 -14.22 -23.31 12.03
CA ASP A 18 -12.94 -23.95 11.77
C ASP A 18 -12.15 -22.94 10.97
N ILE A 19 -11.47 -22.04 11.69
CA ILE A 19 -10.68 -20.97 11.13
C ILE A 19 -9.32 -21.56 10.77
N THR A 20 -8.93 -21.38 9.49
CA THR A 20 -7.76 -21.92 8.81
C THR A 20 -6.53 -21.03 9.10
N VAL A 21 -6.73 -19.77 9.57
CA VAL A 21 -5.63 -18.86 9.94
C VAL A 21 -5.02 -19.36 11.26
N GLU A 22 -3.67 -19.45 11.29
CA GLU A 22 -2.88 -19.93 12.43
C GLU A 22 -2.51 -18.81 13.42
N ASN A 23 -2.36 -19.18 14.71
CA ASN A 23 -1.94 -18.34 15.83
C ASN A 23 -2.74 -17.03 15.90
N ILE A 24 -4.09 -17.13 15.82
CA ILE A 24 -4.98 -15.98 15.87
C ILE A 24 -4.87 -15.26 17.22
N SER A 25 -4.71 -13.93 17.19
CA SER A 25 -4.60 -13.09 18.38
C SER A 25 -5.93 -12.35 18.66
N THR A 26 -6.63 -11.91 17.59
CA THR A 26 -7.88 -11.16 17.65
C THR A 26 -8.82 -11.57 16.52
N LEU A 27 -10.14 -11.51 16.79
CA LEU A 27 -11.19 -11.68 15.80
C LEU A 27 -11.95 -10.32 15.76
N LYS A 28 -11.53 -9.47 14.79
CA LYS A 28 -12.01 -8.09 14.57
C LYS A 28 -13.17 -8.01 13.56
N ASP A 29 -14.27 -7.32 13.95
CA ASP A 29 -15.48 -7.04 13.13
C ASP A 29 -16.08 -8.34 12.48
N LEU A 30 -15.93 -9.48 13.19
CA LEU A 30 -16.37 -10.80 12.75
C LEU A 30 -17.86 -11.01 13.03
N THR A 31 -18.59 -11.42 11.99
CA THR A 31 -20.02 -11.67 12.06
C THR A 31 -20.45 -13.00 11.43
N VAL A 32 -21.56 -13.51 11.92
CA VAL A 32 -22.25 -14.69 11.43
C VAL A 32 -23.64 -14.21 11.06
N LYS A 33 -23.91 -14.11 9.76
CA LYS A 33 -25.20 -13.71 9.18
C LYS A 33 -25.99 -14.97 8.81
N PHE A 34 -27.32 -14.99 9.10
CA PHE A 34 -28.26 -16.07 8.76
C PHE A 34 -29.36 -15.50 7.85
N ASP A 35 -29.19 -15.56 6.51
CA ASP A 35 -30.18 -15.04 5.54
C ASP A 35 -31.23 -16.12 5.11
N ASN A 36 -32.40 -15.66 4.57
CA ASN A 36 -33.51 -16.49 4.09
C ASN A 36 -34.49 -15.67 3.21
N TYR A 37 -35.16 -16.35 2.24
CA TYR A 37 -36.17 -15.75 1.34
C TYR A 37 -37.54 -15.75 2.00
N ASP A 40 -38.81 -14.68 5.00
CA ASP A 40 -37.81 -13.62 4.92
C ASP A 40 -37.25 -13.28 6.32
N LEU A 41 -36.38 -14.17 6.83
CA LEU A 41 -35.72 -14.03 8.13
C LEU A 41 -34.22 -13.77 7.95
N HIS A 42 -33.71 -12.66 8.53
CA HIS A 42 -32.30 -12.26 8.42
C HIS A 42 -31.73 -11.91 9.79
N TYR A 43 -30.74 -12.70 10.23
CA TYR A 43 -30.08 -12.54 11.53
C TYR A 43 -28.59 -12.22 11.37
N VAL A 44 -28.04 -11.37 12.25
CA VAL A 44 -26.60 -11.04 12.28
C VAL A 44 -26.13 -11.22 13.74
N LYS A 45 -25.02 -11.92 13.93
CA LYS A 45 -24.49 -12.20 15.27
C LYS A 45 -23.01 -11.85 15.34
N GLU A 46 -22.60 -11.11 16.38
CA GLU A 46 -21.21 -10.72 16.63
C GLU A 46 -20.44 -11.93 17.17
N VAL A 47 -19.18 -12.10 16.72
CA VAL A 47 -18.37 -13.25 17.11
C VAL A 47 -16.98 -12.81 17.56
N THR A 48 -16.50 -13.32 18.70
CA THR A 48 -15.16 -13.03 19.20
C THR A 48 -14.37 -14.29 19.45
N ASP A 49 -15.02 -15.46 19.43
CA ASP A 49 -14.30 -16.71 19.66
C ASP A 49 -14.54 -17.70 18.52
N ASN A 50 -13.92 -18.90 18.61
CA ASN A 50 -14.06 -19.98 17.62
C ASN A 50 -15.47 -20.58 17.61
N SER A 51 -16.22 -20.46 18.71
CA SER A 51 -17.58 -20.99 18.79
C SER A 51 -18.57 -19.96 19.35
N VAL A 52 -19.80 -19.93 18.79
CA VAL A 52 -20.86 -19.00 19.22
C VAL A 52 -22.23 -19.71 19.25
N LYS A 53 -23.04 -19.41 20.29
CA LYS A 53 -24.41 -19.90 20.44
C LYS A 53 -25.33 -18.82 19.91
N VAL A 54 -26.24 -19.18 18.99
CA VAL A 54 -27.15 -18.21 18.39
C VAL A 54 -28.62 -18.52 18.82
N ASP A 55 -29.16 -17.71 19.76
CA ASP A 55 -30.53 -17.84 20.29
C ASP A 55 -31.55 -17.09 19.44
N GLY A 56 -32.83 -17.42 19.66
CA GLY A 56 -33.97 -16.77 19.03
C GLY A 56 -34.16 -16.96 17.54
N ILE A 57 -33.40 -17.86 16.91
CA ILE A 57 -33.53 -18.13 15.48
C ILE A 57 -34.68 -19.13 15.26
N ILE A 58 -35.68 -18.72 14.47
CA ILE A 58 -36.85 -19.53 14.13
C ILE A 58 -36.42 -20.66 13.15
N PRO A 59 -36.83 -21.94 13.35
CA PRO A 59 -36.36 -23.02 12.47
C PRO A 59 -36.66 -22.83 10.97
N GLY A 60 -35.81 -23.45 10.15
CA GLY A 60 -35.86 -23.43 8.70
C GLY A 60 -34.51 -23.68 8.06
N ILE A 61 -34.41 -23.54 6.73
CA ILE A 61 -33.13 -23.73 6.04
C ILE A 61 -32.58 -22.34 5.68
N TYR A 62 -31.38 -22.01 6.19
CA TYR A 62 -30.74 -20.70 5.99
C TYR A 62 -29.41 -20.82 5.29
N SER A 63 -28.98 -19.73 4.62
CA SER A 63 -27.65 -19.62 4.03
C SER A 63 -26.82 -18.80 5.04
N VAL A 64 -25.90 -19.49 5.73
CA VAL A 64 -25.09 -18.92 6.80
C VAL A 64 -23.74 -18.46 6.25
N THR A 65 -23.38 -17.18 6.51
CA THR A 65 -22.12 -16.58 6.03
C THR A 65 -21.33 -15.98 7.20
N VAL A 66 -20.00 -16.19 7.16
CA VAL A 66 -19.02 -15.72 8.13
C VAL A 66 -18.09 -14.74 7.42
N SER A 67 -17.85 -13.57 8.01
CA SER A 67 -16.96 -12.52 7.48
C SER A 67 -16.45 -11.62 8.60
N GLY A 68 -15.17 -11.30 8.50
CA GLY A 68 -14.46 -10.47 9.47
C GLY A 68 -12.98 -10.53 9.25
N THR A 69 -12.22 -10.10 10.28
CA THR A 69 -10.76 -10.00 10.22
C THR A 69 -10.11 -10.71 11.41
N ALA A 70 -9.04 -11.46 11.13
CA ALA A 70 -8.21 -12.09 12.15
C ALA A 70 -6.82 -11.48 12.09
N ILE A 71 -6.26 -11.19 13.27
CA ILE A 71 -4.90 -10.66 13.41
C ILE A 71 -4.11 -11.75 14.14
N ASP A 72 -2.97 -12.21 13.57
CA ASP A 72 -2.21 -13.27 14.23
C ASP A 72 -1.22 -12.67 15.24
N THR A 73 -0.45 -13.54 15.94
CA THR A 73 0.49 -13.15 17.00
C THR A 73 1.63 -12.27 16.50
N GLU A 74 1.89 -12.27 15.16
CA GLU A 74 2.93 -11.49 14.49
C GLU A 74 2.37 -10.22 13.84
N ASN A 75 1.12 -9.83 14.24
CA ASN A 75 0.40 -8.65 13.75
CA ASN A 75 0.38 -8.65 13.76
C ASN A 75 0.12 -8.75 12.23
N ASN A 76 -0.10 -9.98 11.70
CA ASN A 76 -0.46 -10.16 10.29
C ASN A 76 -1.96 -10.06 10.20
N GLU A 77 -2.48 -9.33 9.24
CA GLU A 77 -3.90 -9.15 9.09
C GLU A 77 -4.43 -10.08 8.04
N TYR A 78 -5.60 -10.69 8.31
CA TYR A 78 -6.27 -11.61 7.43
C TYR A 78 -7.73 -11.25 7.26
N TYR A 79 -8.22 -11.28 6.03
CA TYR A 79 -9.64 -11.16 5.76
C TYR A 79 -10.16 -12.59 5.73
N ILE A 80 -11.03 -12.92 6.70
CA ILE A 80 -11.50 -14.29 6.84
C ILE A 80 -12.94 -14.39 6.35
N ASN A 81 -13.28 -15.50 5.68
CA ASN A 81 -14.60 -15.70 5.08
C ASN A 81 -14.98 -17.19 5.06
N GLY A 82 -16.27 -17.45 5.14
CA GLY A 82 -16.80 -18.80 5.12
C GLY A 82 -18.30 -18.80 4.93
N ASN A 83 -18.85 -19.95 4.54
CA ASN A 83 -20.29 -20.10 4.39
C ASN A 83 -20.72 -21.56 4.48
N SER A 84 -22.01 -21.75 4.75
CA SER A 84 -22.71 -23.02 4.83
C SER A 84 -24.02 -22.76 4.11
N VAL A 85 -24.14 -23.31 2.89
CA VAL A 85 -25.32 -23.08 2.05
C VAL A 85 -26.42 -24.07 2.40
N ASN A 86 -27.64 -23.51 2.60
CA ASN A 86 -28.90 -24.18 2.92
C ASN A 86 -28.73 -25.25 4.02
N ALA A 87 -28.30 -24.79 5.21
CA ALA A 87 -28.12 -25.63 6.40
C ALA A 87 -29.50 -25.99 7.00
N ALA A 88 -29.65 -27.21 7.54
CA ALA A 88 -30.92 -27.68 8.11
C ALA A 88 -31.01 -27.33 9.59
N LEU A 89 -31.56 -26.14 9.87
CA LEU A 89 -31.71 -25.61 11.24
C LEU A 89 -33.14 -25.87 11.73
N PHE A 90 -33.34 -26.92 12.55
CA PHE A 90 -34.68 -27.25 13.05
C PHE A 90 -34.66 -27.63 14.53
N LYS A 91 -33.68 -28.44 14.97
CA LYS A 91 -33.53 -28.89 16.35
C LYS A 91 -32.92 -27.78 17.26
N HIS A 92 -32.87 -28.05 18.57
CA HIS A 92 -32.36 -27.17 19.61
C HIS A 92 -31.61 -28.03 20.65
N GLY A 93 -30.29 -27.86 20.80
CA GLY A 93 -29.47 -26.92 20.06
C GLY A 93 -28.67 -27.55 18.95
N SER A 94 -29.22 -27.50 17.71
CA SER A 94 -28.59 -28.02 16.49
C SER A 94 -27.21 -27.37 16.31
N ALA A 95 -26.19 -28.19 16.02
CA ALA A 95 -24.82 -27.74 15.83
C ALA A 95 -24.46 -27.60 14.36
N LEU A 96 -23.81 -26.47 13.99
CA LEU A 96 -23.42 -26.15 12.62
C LEU A 96 -21.93 -25.80 12.57
N ASN A 97 -21.22 -26.42 11.60
CA ASN A 97 -19.79 -26.20 11.39
C ASN A 97 -19.54 -25.48 10.08
N ILE A 98 -18.82 -24.35 10.17
CA ILE A 98 -18.42 -23.50 9.04
C ILE A 98 -16.93 -23.50 8.92
N GLU A 99 -16.44 -23.80 7.73
CA GLU A 99 -15.02 -23.71 7.43
C GLU A 99 -14.72 -22.29 7.03
N VAL A 100 -13.83 -21.63 7.79
CA VAL A 100 -13.50 -20.21 7.60
C VAL A 100 -12.04 -20.10 7.14
N GLN A 101 -11.84 -19.66 5.90
CA GLN A 101 -10.49 -19.55 5.35
C GLN A 101 -10.04 -18.09 5.37
N GLY A 102 -8.74 -17.88 5.49
CA GLY A 102 -8.17 -16.54 5.55
C GLY A 102 -7.31 -16.10 4.38
N LEU A 103 -7.31 -14.80 4.13
CA LEU A 103 -6.53 -14.13 3.09
C LEU A 103 -5.55 -13.18 3.75
N LYS A 104 -4.23 -13.38 3.63
CA LYS A 104 -3.28 -12.41 4.22
C LYS A 104 -3.42 -11.05 3.51
N VAL A 105 -3.66 -9.99 4.29
CA VAL A 105 -3.89 -8.64 3.81
C VAL A 105 -2.83 -7.67 4.31
N SER A 106 -2.11 -7.01 3.37
CA SER A 106 -1.13 -5.96 3.68
C SER A 106 -1.91 -4.65 3.89
N PRO A 107 -1.88 -4.10 5.12
CA PRO A 107 -2.73 -2.94 5.44
C PRO A 107 -2.62 -1.66 4.57
N LEU A 108 -1.40 -1.13 4.31
CA LEU A 108 -1.26 0.12 3.56
C LEU A 108 -0.26 -0.08 2.46
N ILE A 109 -0.75 -0.17 1.22
CA ILE A 109 0.10 -0.51 0.08
C ILE A 109 0.07 0.51 -1.06
N PHE A 110 1.08 0.40 -1.95
CA PHE A 110 1.24 1.15 -3.22
C PHE A 110 0.27 0.51 -4.20
N LYS A 111 -0.80 1.22 -4.53
CA LYS A 111 -1.84 0.67 -5.44
C LYS A 111 -1.47 0.85 -6.95
N GLU A 112 -1.01 2.05 -7.30
CA GLU A 112 -0.66 2.44 -8.66
C GLU A 112 0.49 3.41 -8.58
N ILE A 113 1.48 3.26 -9.49
CA ILE A 113 2.67 4.12 -9.61
C ILE A 113 2.95 4.45 -11.08
N TYR A 114 3.18 5.76 -11.38
CA TYR A 114 3.53 6.22 -12.72
C TYR A 114 4.78 7.08 -12.59
N TYR A 115 5.89 6.66 -13.25
CA TYR A 115 7.22 7.28 -13.08
C TYR A 115 8.03 7.59 -14.36
N CYS A 116 7.71 7.00 -15.51
CA CYS A 116 8.62 7.07 -16.66
C CYS A 116 8.50 8.37 -17.50
N GLY A 117 7.55 9.22 -17.17
CA GLY A 117 7.34 10.42 -17.96
C GLY A 117 6.59 10.10 -19.24
N SER A 118 6.29 11.16 -20.02
CA SER A 118 5.55 11.02 -21.28
C SER A 118 6.19 11.91 -22.35
N ARG A 119 5.70 11.82 -23.60
CA ARG A 119 6.22 12.62 -24.71
C ARG A 119 5.19 13.58 -25.27
N PRO A 120 5.42 14.92 -25.21
CA PRO A 120 4.45 15.84 -25.84
C PRO A 120 4.60 15.77 -27.36
N GLU A 121 3.49 15.99 -28.09
CA GLU A 121 3.48 16.00 -29.57
C GLU A 121 4.23 17.23 -30.02
N LYS A 122 4.18 18.31 -29.19
CA LYS A 122 4.85 19.60 -29.38
C LYS A 122 6.38 19.46 -29.32
N GLY A 123 6.86 18.32 -28.83
CA GLY A 123 8.27 18.01 -28.74
C GLY A 123 8.76 17.92 -27.32
N GLY A 124 10.00 17.48 -27.17
CA GLY A 124 10.69 17.30 -25.89
C GLY A 124 10.16 16.11 -25.11
N VAL A 125 10.37 16.14 -23.78
CA VAL A 125 9.90 15.12 -22.85
C VAL A 125 9.14 15.85 -21.74
N TYR A 126 8.36 15.10 -20.96
CA TYR A 126 7.62 15.58 -19.80
C TYR A 126 7.83 14.56 -18.68
N PHE A 127 8.60 14.92 -17.63
CA PHE A 127 8.86 14.00 -16.53
C PHE A 127 8.11 14.46 -15.25
N ARG A 128 7.21 15.47 -15.35
CA ARG A 128 6.56 16.02 -14.14
C ARG A 128 5.19 15.42 -13.82
N ASP A 129 4.74 14.42 -14.61
CA ASP A 129 3.43 13.78 -14.39
C ASP A 129 3.51 12.60 -13.35
N GLN A 130 4.70 12.33 -12.76
CA GLN A 130 4.94 11.27 -11.78
C GLN A 130 3.95 11.31 -10.59
N PHE A 131 3.41 10.15 -10.19
CA PHE A 131 2.50 10.04 -9.06
C PHE A 131 2.58 8.62 -8.45
N TYR A 132 2.15 8.53 -7.18
CA TYR A 132 2.16 7.37 -6.27
C TYR A 132 0.84 7.32 -5.58
N GLU A 133 0.06 6.26 -5.79
CA GLU A 133 -1.24 6.13 -5.16
C GLU A 133 -1.16 5.02 -4.11
N ILE A 134 -1.43 5.40 -2.87
CA ILE A 134 -1.42 4.66 -1.60
C ILE A 134 -2.88 4.31 -1.28
N TYR A 135 -3.16 3.05 -0.91
CA TYR A 135 -4.51 2.55 -0.64
C TYR A 135 -4.63 1.92 0.75
N ASN A 136 -5.75 2.20 1.45
CA ASN A 136 -6.05 1.56 2.72
C ASN A 136 -6.71 0.24 2.37
N ASN A 137 -5.90 -0.83 2.43
CA ASN A 137 -6.29 -2.20 2.08
C ASN A 137 -6.78 -2.99 3.33
N SER A 138 -6.75 -2.35 4.52
CA SER A 138 -7.08 -2.92 5.81
C SER A 138 -8.61 -2.84 6.19
N ALA A 139 -8.95 -3.48 7.34
CA ALA A 139 -10.29 -3.59 7.91
C ALA A 139 -10.76 -2.34 8.68
N ASP A 140 -9.87 -1.36 8.91
CA ASP A 140 -10.23 -0.17 9.67
C ASP A 140 -9.48 1.06 9.18
N ILE A 141 -9.93 2.25 9.64
CA ILE A 141 -9.32 3.57 9.38
C ILE A 141 -7.86 3.57 9.85
N LEU A 142 -6.96 4.12 9.04
CA LEU A 142 -5.54 4.33 9.31
C LEU A 142 -5.23 5.80 9.24
N TYR A 143 -4.28 6.27 10.05
CA TYR A 143 -3.91 7.68 9.98
C TYR A 143 -2.58 7.82 9.29
N LEU A 144 -2.55 8.60 8.19
CA LEU A 144 -1.35 8.82 7.40
C LEU A 144 -0.34 9.76 8.07
N ASP A 145 -0.75 10.49 9.10
CA ASP A 145 0.10 11.46 9.79
C ASP A 145 1.48 10.92 10.15
N GLY A 146 2.51 11.62 9.70
CA GLY A 146 3.90 11.29 10.00
C GLY A 146 4.50 10.03 9.42
N ILE A 147 3.75 9.33 8.51
CA ILE A 147 4.24 8.16 7.81
C ILE A 147 5.25 8.70 6.80
N TYR A 148 6.36 7.97 6.60
CA TYR A 148 7.44 8.36 5.72
C TYR A 148 7.33 7.75 4.35
N PHE A 149 7.92 8.43 3.37
CA PHE A 149 8.06 8.06 1.96
C PHE A 149 9.49 8.26 1.58
N ALA A 150 10.11 7.25 0.96
CA ALA A 150 11.48 7.35 0.47
C ALA A 150 11.68 6.59 -0.85
N ASN A 151 12.68 7.05 -1.64
CA ASN A 151 13.20 6.35 -2.81
C ASN A 151 14.57 5.85 -2.39
N LEU A 152 14.95 4.67 -2.81
CA LEU A 152 16.22 4.10 -2.37
C LEU A 152 17.32 4.35 -3.38
N THR A 153 18.57 4.21 -2.93
CA THR A 153 19.78 4.29 -3.73
C THR A 153 20.28 2.86 -4.09
N PRO A 154 20.96 2.64 -5.26
CA PRO A 154 21.20 3.59 -6.39
C PRO A 154 19.88 4.03 -7.01
N GLY A 155 19.68 5.34 -7.21
CA GLY A 155 18.49 5.95 -7.81
C GLY A 155 17.99 5.17 -9.01
N THR A 156 18.88 4.91 -9.99
CA THR A 156 18.64 4.03 -11.14
C THR A 156 19.27 2.68 -10.87
N ALA A 157 18.57 1.61 -11.20
CA ALA A 157 19.07 0.24 -10.99
C ALA A 157 20.42 0.01 -11.70
N THR A 158 21.33 -0.65 -10.99
CA THR A 158 22.67 -0.95 -11.48
C THR A 158 23.21 -2.21 -10.83
N THR A 159 24.12 -2.89 -11.54
CA THR A 159 24.80 -4.09 -11.10
C THR A 159 25.97 -3.68 -10.20
N LYS A 160 26.43 -2.41 -10.30
CA LYS A 160 27.47 -1.77 -9.48
C LYS A 160 26.97 -1.78 -8.03
N LEU A 161 27.62 -2.57 -7.17
CA LEU A 161 27.13 -2.77 -5.82
C LEU A 161 27.74 -1.89 -4.75
N PRO A 162 26.86 -1.16 -4.03
CA PRO A 162 27.31 -0.36 -2.89
C PRO A 162 27.78 -1.26 -1.75
N ILE A 163 28.74 -0.79 -0.95
CA ILE A 163 29.22 -1.50 0.23
C ILE A 163 28.73 -0.68 1.41
N TRP A 164 27.93 -1.32 2.27
CA TRP A 164 27.34 -0.69 3.43
C TRP A 164 28.10 -1.10 4.70
N PRO A 165 28.02 -0.32 5.83
CA PRO A 165 28.78 -0.71 7.03
C PRO A 165 28.45 -2.14 7.49
N GLU A 166 29.50 -2.87 7.91
CA GLU A 166 29.40 -4.25 8.38
C GLU A 166 28.44 -4.35 9.57
N ALA A 167 28.52 -3.35 10.48
CA ALA A 167 27.70 -3.21 11.69
C ALA A 167 26.18 -3.16 11.43
N ASP A 168 25.78 -2.72 10.23
CA ASP A 168 24.36 -2.60 9.85
C ASP A 168 23.70 -3.95 9.64
N GLY A 169 24.51 -4.95 9.25
CA GLY A 169 24.05 -6.29 8.92
C GLY A 169 23.12 -6.22 7.74
N ASN A 170 21.95 -6.82 7.86
CA ASN A 170 20.99 -6.75 6.78
C ASN A 170 19.68 -6.21 7.34
N ASN A 171 19.79 -5.18 8.18
CA ASN A 171 18.66 -4.59 8.89
C ASN A 171 18.06 -3.38 8.23
N TYR A 172 18.70 -2.89 7.13
CA TYR A 172 18.27 -1.64 6.49
C TYR A 172 18.25 -1.64 4.97
N ALA A 173 17.40 -0.73 4.45
CA ALA A 173 17.28 -0.23 3.09
C ALA A 173 17.96 1.16 3.15
N TYR A 174 18.52 1.65 2.05
CA TYR A 174 19.27 2.91 2.10
C TYR A 174 18.62 3.97 1.21
N GLY A 175 18.05 4.97 1.85
CA GLY A 175 17.29 6.04 1.20
C GLY A 175 18.11 7.20 0.67
N GLU A 176 17.76 7.61 -0.56
CA GLU A 176 18.35 8.73 -1.28
C GLU A 176 17.74 10.03 -0.72
N ARG A 177 16.37 10.12 -0.77
CA ARG A 177 15.56 11.22 -0.24
C ARG A 177 14.38 10.65 0.57
N VAL A 178 14.05 11.29 1.70
CA VAL A 178 12.99 10.89 2.64
C VAL A 178 12.05 12.10 2.86
N TRP A 179 10.75 11.83 2.78
CA TRP A 179 9.64 12.75 3.04
C TRP A 179 8.75 12.14 4.10
N LYS A 180 7.88 12.94 4.69
CA LYS A 180 6.86 12.45 5.62
C LYS A 180 5.56 13.20 5.41
N PHE A 181 4.48 12.59 5.81
CA PHE A 181 3.19 13.25 5.76
C PHE A 181 3.16 14.24 6.91
N PRO A 182 2.60 15.46 6.72
CA PRO A 182 2.38 16.36 7.87
C PRO A 182 1.24 15.82 8.79
N GLY A 183 0.85 16.58 9.80
CA GLY A 183 -0.22 16.18 10.71
C GLY A 183 0.24 15.83 12.11
N ASN A 184 -0.61 16.18 13.10
CA ASN A 184 -0.39 16.00 14.55
C ASN A 184 -0.53 14.54 15.01
N GLY A 185 -1.23 13.73 14.22
CA GLY A 185 -1.47 12.32 14.51
C GLY A 185 -2.85 11.84 14.11
N THR A 186 -3.82 12.77 14.00
CA THR A 186 -5.21 12.45 13.68
C THR A 186 -5.79 13.33 12.55
N GLU A 187 -4.95 14.15 11.90
CA GLU A 187 -5.37 15.03 10.82
C GLU A 187 -5.64 14.30 9.48
N TYR A 188 -4.84 13.27 9.09
CA TYR A 188 -5.09 12.66 7.78
C TYR A 188 -5.48 11.19 7.85
N PRO A 189 -6.77 10.89 8.16
CA PRO A 189 -7.20 9.50 8.15
C PRO A 189 -7.56 9.01 6.75
N LEU A 190 -7.34 7.71 6.55
CA LEU A 190 -7.71 7.01 5.34
C LEU A 190 -8.62 5.86 5.77
N ALA A 191 -9.86 5.87 5.26
CA ALA A 191 -10.85 4.83 5.57
C ALA A 191 -10.62 3.61 4.67
N PRO A 192 -11.07 2.39 5.04
CA PRO A 192 -10.93 1.25 4.12
C PRO A 192 -11.56 1.56 2.74
N GLY A 193 -10.77 1.43 1.68
CA GLY A 193 -11.24 1.70 0.32
C GLY A 193 -10.87 3.06 -0.24
N GLU A 194 -10.22 3.89 0.61
CA GLU A 194 -9.76 5.22 0.28
C GLU A 194 -8.30 5.20 -0.14
N SER A 195 -7.97 6.04 -1.12
CA SER A 195 -6.61 6.22 -1.64
C SER A 195 -6.07 7.61 -1.28
N CYS A 196 -4.75 7.69 -1.14
CA CYS A 196 -3.99 8.93 -1.06
C CYS A 196 -3.03 8.96 -2.24
N ILE A 197 -3.19 9.96 -3.11
CA ILE A 197 -2.29 10.16 -4.24
C ILE A 197 -1.32 11.27 -3.86
N ILE A 198 -0.04 11.04 -4.17
CA ILE A 198 1.05 11.99 -4.02
C ILE A 198 1.62 12.17 -5.41
N SER A 199 1.66 13.40 -5.89
CA SER A 199 2.20 13.78 -7.19
C SER A 199 3.51 14.52 -7.01
N GLN A 200 4.42 14.45 -7.99
CA GLN A 200 5.65 15.23 -7.99
C GLN A 200 5.24 16.72 -8.08
N PHE A 201 4.30 17.00 -9.01
CA PHE A 201 3.75 18.31 -9.33
C PHE A 201 2.25 18.11 -9.52
N ALA A 202 1.46 18.41 -8.49
CA ALA A 202 0.01 18.14 -8.54
C ALA A 202 -0.75 19.19 -9.39
N ALA A 203 -0.57 19.14 -10.72
CA ALA A 203 -1.23 20.06 -11.65
C ALA A 203 -1.89 19.35 -12.83
N ASN A 204 -2.70 20.10 -13.61
CA ASN A 204 -3.30 19.56 -14.82
C ASN A 204 -2.24 19.47 -15.91
N HIS A 205 -1.59 18.31 -16.00
CA HIS A 205 -0.52 18.03 -16.96
C HIS A 205 -1.00 18.08 -18.40
N GLN A 206 -2.32 17.96 -18.62
CA GLN A 206 -2.89 17.93 -19.96
C GLN A 206 -3.10 19.32 -20.55
N LEU A 207 -2.77 20.39 -19.79
CA LEU A 207 -2.84 21.77 -20.30
C LEU A 207 -1.80 21.94 -21.39
N ASP A 208 -2.08 22.78 -22.40
CA ASP A 208 -1.17 23.01 -23.53
C ASP A 208 0.24 23.45 -23.08
N ILE A 209 0.37 24.14 -21.92
CA ILE A 209 1.64 24.59 -21.34
C ILE A 209 2.49 23.45 -20.80
N TYR A 210 1.87 22.27 -20.53
CA TYR A 210 2.57 21.14 -19.94
C TYR A 210 2.76 19.99 -20.96
N ASN A 211 1.81 19.04 -21.03
CA ASN A 211 1.84 17.93 -21.97
C ASN A 211 0.43 17.45 -22.27
N PRO A 212 -0.26 17.95 -23.31
CA PRO A 212 -1.62 17.45 -23.61
C PRO A 212 -1.73 15.91 -23.79
N GLN A 213 -0.60 15.21 -24.03
CA GLN A 213 -0.53 13.75 -24.21
C GLN A 213 -0.17 13.02 -22.91
N SER A 214 -0.15 13.74 -21.76
CA SER A 214 0.09 13.11 -20.47
C SER A 214 -1.15 12.27 -20.12
N PRO A 215 -1.01 11.07 -19.54
CA PRO A 215 -2.20 10.24 -19.28
C PRO A 215 -3.15 10.75 -18.19
N ILE A 216 -2.68 11.65 -17.31
CA ILE A 216 -3.47 12.12 -16.17
C ILE A 216 -3.48 13.65 -15.99
N ASP A 217 -4.46 14.11 -15.18
CA ASP A 217 -4.62 15.46 -14.62
C ASP A 217 -4.33 15.25 -13.14
N GLY A 218 -3.15 15.69 -12.69
CA GLY A 218 -2.75 15.49 -11.30
C GLY A 218 -3.23 16.52 -10.30
N SER A 219 -4.14 17.41 -10.72
CA SER A 219 -4.62 18.52 -9.87
C SER A 219 -5.37 18.07 -8.62
N SER A 220 -6.13 16.94 -8.68
CA SER A 220 -6.93 16.45 -7.54
C SER A 220 -6.15 15.55 -6.57
N SER A 221 -4.81 15.44 -6.76
CA SER A 221 -3.93 14.70 -5.84
C SER A 221 -4.07 15.28 -4.45
N GLU A 222 -4.14 14.43 -3.42
CA GLU A 222 -4.25 14.86 -2.03
C GLU A 222 -2.99 15.59 -1.60
N PHE A 223 -1.83 15.01 -1.96
CA PHE A 223 -0.50 15.53 -1.63
C PHE A 223 0.37 15.74 -2.85
N GLU A 224 1.44 16.53 -2.67
CA GLU A 224 2.46 16.79 -3.67
C GLU A 224 3.79 17.01 -3.01
N PHE A 225 4.88 16.70 -3.74
CA PHE A 225 6.26 16.88 -3.32
C PHE A 225 6.74 18.26 -3.80
N ASN A 226 6.16 19.34 -3.28
CA ASN A 226 6.54 20.70 -3.70
C ASN A 226 7.98 21.05 -3.24
N ASN A 228 9.22 24.19 -4.47
CA ASN A 228 9.07 25.61 -4.83
C ASN A 228 9.86 25.94 -6.09
N ASN A 229 9.54 25.19 -7.15
CA ASN A 229 10.05 25.40 -8.50
C ASN A 229 9.39 26.69 -9.03
N PRO A 230 10.15 27.72 -9.48
CA PRO A 230 9.51 28.98 -9.90
C PRO A 230 8.56 28.87 -11.08
N ASN A 231 8.85 27.90 -11.98
CA ASN A 231 8.20 27.68 -13.25
C ASN A 231 7.14 26.59 -13.25
N PHE A 232 7.18 25.65 -12.27
CA PHE A 232 6.22 24.53 -12.04
C PHE A 232 5.89 24.64 -10.55
N PRO A 233 5.12 25.69 -10.17
CA PRO A 233 5.04 26.02 -8.74
C PRO A 233 4.08 25.20 -7.91
N ASP A 234 4.04 25.56 -6.61
CA ASP A 234 3.20 24.99 -5.57
C ASP A 234 1.74 24.96 -6.02
N GLN A 235 1.07 23.82 -5.86
CA GLN A 235 -0.35 23.71 -6.24
C GLN A 235 -1.24 23.58 -5.01
N ALA A 236 -2.58 23.57 -5.21
CA ALA A 236 -3.57 23.45 -4.13
C ALA A 236 -3.34 22.20 -3.27
N ALA A 237 -2.82 21.10 -3.86
CA ALA A 237 -2.50 19.86 -3.16
C ALA A 237 -1.60 20.13 -1.95
N TYR A 238 -1.78 19.38 -0.86
CA TYR A 238 -1.02 19.63 0.36
C TYR A 238 0.43 19.18 0.19
N ASP A 239 1.35 19.84 0.90
CA ASP A 239 2.77 19.55 0.78
C ASP A 239 3.27 18.51 1.75
N GLN A 241 6.28 16.81 3.93
CA GLN A 241 7.37 17.41 4.72
C GLN A 241 8.72 16.80 4.30
N HIS A 242 9.70 17.64 3.92
CA HIS A 242 11.01 17.13 3.55
C HIS A 242 11.76 16.70 4.82
N VAL A 243 12.38 15.49 4.78
CA VAL A 243 13.06 14.91 5.93
C VAL A 243 14.57 14.82 5.72
N PHE A 244 15.03 14.19 4.64
CA PHE A 244 16.45 13.93 4.45
C PHE A 244 16.85 13.90 3.00
N TYR A 245 18.01 14.49 2.72
CA TYR A 245 18.69 14.49 1.43
C TYR A 245 20.12 14.81 1.72
N GLN A 246 21.01 13.90 1.31
CA GLN A 246 22.47 13.97 1.42
C GLN A 246 22.97 14.40 2.85
N GLY A 247 22.43 13.74 3.85
CA GLY A 247 22.77 13.97 5.26
C GLY A 247 22.10 15.16 5.92
N LYS A 248 21.30 15.94 5.18
CA LYS A 248 20.69 17.16 5.67
C LYS A 248 19.14 17.13 5.65
N ALA A 249 18.52 18.01 6.47
CA ALA A 249 17.07 18.20 6.59
C ALA A 249 16.52 19.09 5.46
N GLU A 250 17.37 19.99 4.94
CA GLU A 250 17.05 20.93 3.86
C GLU A 250 16.85 20.21 2.54
N GLY A 252 17.62 21.43 -0.49
CA GLY A 252 18.78 21.61 -1.35
C GLY A 252 18.48 22.23 -2.70
N SER A 253 19.43 22.06 -3.61
CA SER A 253 19.45 22.68 -4.93
C SER A 253 18.51 22.05 -5.98
N ILE A 254 18.25 20.72 -5.90
CA ILE A 254 17.40 20.02 -6.88
C ILE A 254 16.01 20.71 -6.95
N PRO A 255 15.53 21.05 -8.18
CA PRO A 255 14.24 21.78 -8.31
C PRO A 255 12.97 20.94 -8.22
N GLN A 256 13.00 19.64 -8.59
CA GLN A 256 11.84 18.72 -8.56
C GLN A 256 12.27 17.47 -7.93
N TYR A 257 11.30 16.68 -7.43
CA TYR A 257 11.54 15.38 -6.88
C TYR A 257 11.28 14.43 -8.01
N LEU A 258 12.32 14.26 -8.84
CA LEU A 258 12.23 13.37 -9.97
C LEU A 258 12.90 12.07 -9.63
N THR A 259 12.10 11.02 -9.42
CA THR A 259 12.62 9.66 -9.21
C THR A 259 13.00 9.12 -10.64
N SER A 260 13.86 8.10 -10.71
CA SER A 260 14.34 7.52 -11.99
C SER A 260 13.19 7.20 -12.97
N VAL A 261 13.27 7.77 -14.19
CA VAL A 261 12.30 7.52 -15.28
C VAL A 261 12.54 6.05 -15.80
N PHE A 262 13.64 5.40 -15.35
CA PHE A 262 13.92 3.99 -15.63
C PHE A 262 13.33 3.06 -14.57
N GLY A 263 12.66 3.58 -13.57
CA GLY A 263 12.15 2.80 -12.45
C GLY A 263 12.98 3.08 -11.22
N GLY A 264 12.29 3.49 -10.16
CA GLY A 264 12.88 3.75 -8.87
C GLY A 264 12.47 2.67 -7.89
N ALA A 265 13.14 2.65 -6.71
CA ALA A 265 12.83 1.75 -5.60
C ALA A 265 12.12 2.60 -4.53
N TYR A 266 10.82 2.33 -4.32
CA TYR A 266 9.92 3.12 -3.44
C TYR A 266 9.58 2.40 -2.17
N VAL A 267 9.58 3.13 -1.04
CA VAL A 267 9.16 2.57 0.25
C VAL A 267 8.29 3.58 1.01
N ILE A 268 7.33 3.05 1.77
CA ILE A 268 6.54 3.80 2.75
C ILE A 268 6.77 3.09 4.07
N PHE A 269 7.08 3.86 5.12
CA PHE A 269 7.41 3.27 6.42
C PHE A 269 6.94 4.11 7.60
N ARG A 270 6.63 3.40 8.69
CA ARG A 270 6.13 3.99 9.94
CA ARG A 270 6.10 3.94 9.94
C ARG A 270 7.12 3.78 11.07
N VAL A 271 7.42 4.85 11.80
CA VAL A 271 8.33 4.80 12.96
C VAL A 271 7.40 4.66 14.17
N PRO A 272 7.54 3.59 14.99
CA PRO A 272 6.63 3.41 16.13
C PRO A 272 6.69 4.53 17.16
N GLU A 273 5.52 4.88 17.72
CA GLU A 273 5.36 5.89 18.76
C GLU A 273 6.21 5.43 19.97
N GLY A 274 7.18 6.27 20.33
CA GLY A 274 8.13 5.97 21.39
C GLY A 274 9.53 5.77 20.84
N GLU A 275 9.65 5.02 19.71
CA GLU A 275 10.92 4.80 19.03
C GLU A 275 11.36 6.06 18.33
N ALA A 276 12.67 6.32 18.34
CA ALA A 276 13.29 7.48 17.71
C ALA A 276 14.05 7.08 16.45
N TRP A 277 13.98 7.92 15.42
CA TRP A 277 14.67 7.71 14.15
C TRP A 277 14.98 9.08 13.49
N ASP A 278 16.27 9.45 13.51
CA ASP A 278 16.71 10.73 12.94
C ASP A 278 17.92 10.52 12.00
N PRO A 279 17.69 10.30 10.68
CA PRO A 279 18.84 10.09 9.75
C PRO A 279 19.72 11.34 9.55
N VAL A 280 19.24 12.51 9.96
CA VAL A 280 19.94 13.79 9.82
C VAL A 280 20.92 14.00 10.98
N ASN A 281 20.46 13.85 12.23
CA ASN A 281 21.28 14.12 13.40
C ASN A 281 21.90 12.87 14.03
N ASP A 282 21.26 11.70 13.86
CA ASP A 282 21.85 10.46 14.40
C ASP A 282 22.79 9.89 13.31
N GLU A 283 24.11 9.92 13.60
CA GLU A 283 25.18 9.47 12.67
C GLU A 283 25.09 7.97 12.45
N ASN A 284 24.46 7.24 13.40
CA ASN A 284 24.25 5.80 13.27
C ASN A 284 23.17 5.49 12.23
N LYS A 286 22.81 7.25 9.32
CA LYS A 286 23.21 7.71 7.99
C LYS A 286 24.60 7.20 7.61
N THR A 287 24.83 6.96 6.31
CA THR A 287 26.11 6.44 5.82
C THR A 287 26.40 6.82 4.35
N THR A 288 27.68 6.80 4.01
CA THR A 288 28.11 6.93 2.62
C THR A 288 28.20 5.50 2.05
N ASP A 289 28.41 5.39 0.72
CA ASP A 289 28.68 4.13 0.06
C ASP A 289 30.14 3.88 0.33
N LEU A 290 30.47 2.83 1.09
CA LEU A 290 31.85 2.59 1.49
C LEU A 290 32.74 2.15 0.36
N SER A 291 32.14 1.79 -0.82
CA SER A 291 32.87 1.41 -2.02
C SER A 291 33.46 2.65 -2.72
N LYS A 292 33.00 3.84 -2.35
CA LYS A 292 33.43 5.12 -2.89
C LYS A 292 34.09 5.87 -1.75
N PRO A 293 35.38 5.60 -1.45
CA PRO A 293 35.99 6.19 -0.25
C PRO A 293 36.10 7.71 -0.27
N ASN A 294 36.08 8.32 -1.45
CA ASN A 294 36.15 9.78 -1.54
C ASN A 294 34.74 10.44 -1.47
N SER A 295 33.67 9.63 -1.31
CA SER A 295 32.29 10.10 -1.29
C SER A 295 31.91 10.93 -0.08
N ASN A 296 30.99 11.88 -0.30
CA ASN A 296 30.38 12.77 0.69
C ASN A 296 28.84 12.72 0.58
N VAL A 297 28.34 11.72 -0.17
CA VAL A 297 26.91 11.50 -0.39
C VAL A 297 26.47 10.47 0.66
N TYR A 298 25.57 10.94 1.53
CA TYR A 298 24.99 10.28 2.68
C TYR A 298 23.60 9.79 2.36
N TYR A 299 23.31 8.57 2.85
CA TYR A 299 22.04 7.88 2.66
C TYR A 299 21.42 7.60 3.99
N ALA A 300 20.08 7.59 4.05
CA ALA A 300 19.40 7.38 5.33
C ALA A 300 19.18 5.92 5.55
N LYS A 301 19.50 5.45 6.75
CA LYS A 301 19.33 4.05 7.14
C LYS A 301 17.89 3.83 7.54
N ILE A 302 17.13 3.19 6.65
CA ILE A 302 15.71 2.92 6.86
C ILE A 302 15.58 1.50 7.45
N PRO A 303 15.16 1.34 8.74
CA PRO A 303 14.95 0.00 9.28
C PRO A 303 13.88 -0.78 8.50
N ILE A 304 14.29 -1.93 7.98
CA ILE A 304 13.45 -2.87 7.23
C ILE A 304 12.17 -3.24 8.04
N LYS A 305 12.29 -3.29 9.38
CA LYS A 305 11.19 -3.62 10.29
C LYS A 305 10.10 -2.52 10.33
N TYR A 306 10.41 -1.31 9.83
CA TYR A 306 9.46 -0.18 9.81
C TYR A 306 8.66 -0.10 8.52
N VAL A 307 9.11 -0.79 7.47
CA VAL A 307 8.53 -0.72 6.14
C VAL A 307 7.13 -1.38 6.07
N LEU A 308 6.15 -0.59 5.58
CA LEU A 308 4.74 -0.92 5.35
C LEU A 308 4.57 -1.51 3.94
N ASP A 309 5.26 -0.92 2.91
CA ASP A 309 5.28 -1.44 1.54
C ASP A 309 6.52 -0.97 0.79
N ALA A 310 7.04 -1.82 -0.11
CA ALA A 310 8.19 -1.57 -0.98
C ALA A 310 7.93 -2.06 -2.39
N VAL A 311 8.31 -1.27 -3.40
CA VAL A 311 8.14 -1.60 -4.82
C VAL A 311 9.47 -1.36 -5.55
N GLU A 312 10.02 -2.44 -6.14
CA GLU A 312 11.27 -2.36 -6.90
C GLU A 312 10.97 -2.20 -8.39
N ALA A 313 11.03 -0.96 -8.91
CA ALA A 313 10.87 -0.81 -10.36
C ALA A 313 12.26 -0.66 -10.96
N VAL A 314 12.42 -1.22 -12.18
CA VAL A 314 13.68 -1.27 -12.94
C VAL A 314 13.40 -0.99 -14.42
N ASN A 315 14.48 -0.82 -15.22
CA ASN A 315 14.51 -0.51 -16.64
C ASN A 315 13.67 -1.47 -17.48
N ASN A 316 13.90 -2.78 -17.30
CA ASN A 316 13.24 -3.87 -18.04
C ASN A 316 13.45 -5.19 -17.31
N GLU A 317 13.06 -6.30 -17.92
CA GLU A 317 13.16 -7.64 -17.32
C GLU A 317 14.62 -8.15 -17.13
N SER A 318 15.63 -7.40 -17.64
CA SER A 318 17.05 -7.78 -17.55
C SER A 318 17.72 -7.33 -16.27
N LYS A 319 17.08 -6.44 -15.51
CA LYS A 319 17.68 -5.86 -14.33
C LYS A 319 17.31 -6.59 -13.02
N ASN A 321 19.37 -8.63 -11.32
CA ASN A 321 20.64 -8.68 -10.62
C ASN A 321 21.12 -7.25 -10.24
N ALA A 322 20.21 -6.27 -10.38
CA ALA A 322 20.45 -4.87 -10.11
C ALA A 322 19.44 -4.30 -9.05
N LYS A 323 18.95 -5.16 -8.13
CA LYS A 323 17.99 -4.79 -7.09
C LYS A 323 18.62 -3.97 -5.94
N ARG A 324 17.85 -3.00 -5.37
CA ARG A 324 18.28 -2.21 -4.22
C ARG A 324 17.22 -2.28 -3.08
N VAL A 325 16.09 -2.94 -3.33
CA VAL A 325 15.09 -3.16 -2.28
C VAL A 325 15.49 -4.50 -1.61
N PRO A 326 15.63 -4.52 -0.26
CA PRO A 326 15.90 -5.80 0.41
C PRO A 326 14.80 -6.84 0.07
N GLY A 327 15.26 -8.06 -0.28
CA GLY A 327 14.44 -9.20 -0.70
C GLY A 327 13.24 -9.51 0.16
N VAL A 328 13.35 -9.32 1.48
CA VAL A 328 12.23 -9.55 2.41
C VAL A 328 11.09 -8.58 2.13
N LEU A 329 11.40 -7.35 1.62
CA LEU A 329 10.40 -6.32 1.32
C LEU A 329 9.85 -6.48 -0.09
N ASP A 330 10.72 -6.78 -1.05
CA ASP A 330 10.36 -7.04 -2.44
C ASP A 330 11.39 -8.01 -3.04
N ALA A 331 11.00 -9.27 -3.29
CA ALA A 331 11.84 -10.34 -3.85
C ALA A 331 11.98 -10.22 -5.36
N GLY A 332 11.19 -9.36 -5.97
CA GLY A 332 11.21 -9.19 -7.41
C GLY A 332 11.52 -7.79 -7.91
N ILE A 333 11.15 -7.60 -9.19
CA ILE A 333 11.31 -6.39 -10.01
C ILE A 333 10.09 -6.21 -10.90
N THR A 334 9.68 -4.96 -11.10
CA THR A 334 8.57 -4.55 -11.99
C THR A 334 9.15 -3.54 -12.96
N TRP A 335 8.50 -3.27 -14.09
CA TRP A 335 9.03 -2.38 -15.14
C TRP A 335 7.95 -2.02 -16.14
N VAL A 336 8.28 -1.09 -17.06
CA VAL A 336 7.42 -0.67 -18.17
C VAL A 336 8.25 -0.80 -19.45
N GLY A 337 9.54 -1.06 -19.27
CA GLY A 337 10.48 -1.35 -20.35
C GLY A 337 10.95 -0.21 -21.21
N ALA A 338 10.48 0.99 -20.95
CA ALA A 338 10.90 2.17 -21.71
C ALA A 338 10.73 3.44 -20.91
N THR A 339 11.48 4.47 -21.28
CA THR A 339 11.33 5.79 -20.69
C THR A 339 10.41 6.61 -21.60
N TYR A 340 9.65 7.48 -20.98
CA TYR A 340 8.79 8.42 -21.66
C TYR A 340 7.80 7.78 -22.58
N CYS A 341 7.17 6.71 -22.13
CA CYS A 341 6.17 5.99 -22.91
C CYS A 341 4.75 6.21 -22.38
N GLY A 342 4.63 6.94 -21.27
CA GLY A 342 3.36 7.29 -20.64
C GLY A 342 2.61 6.11 -20.08
N LEU A 343 3.35 5.08 -19.62
CA LEU A 343 2.78 3.87 -19.05
C LEU A 343 3.29 3.65 -17.63
N GLY A 344 2.42 3.08 -16.81
CA GLY A 344 2.75 2.82 -15.43
C GLY A 344 2.57 1.37 -15.03
N ILE A 345 2.45 1.17 -13.72
CA ILE A 345 2.29 -0.12 -13.06
C ILE A 345 1.08 -0.02 -12.10
N ALA A 346 0.31 -1.09 -12.02
CA ALA A 346 -0.87 -1.12 -11.17
C ALA A 346 -0.93 -2.44 -10.39
N ARG A 347 -1.16 -2.37 -9.08
CA ARG A 347 -1.24 -3.57 -8.23
C ARG A 347 -2.48 -4.38 -8.60
N LYS A 348 -2.30 -5.72 -8.68
CA LYS A 348 -3.35 -6.68 -9.00
C LYS A 348 -4.28 -6.86 -7.84
N LEU A 349 -5.54 -7.12 -8.14
CA LEU A 349 -6.59 -7.40 -7.16
C LEU A 349 -6.44 -8.81 -6.64
N SER A 350 -6.78 -9.02 -5.36
CA SER A 350 -6.77 -10.36 -4.76
C SER A 350 -7.97 -11.12 -5.33
N THR A 351 -7.72 -12.15 -6.13
CA THR A 351 -8.82 -12.91 -6.75
C THR A 351 -8.91 -14.33 -6.18
N ASP A 352 -10.06 -14.99 -6.39
CA ASP A 352 -10.24 -16.38 -5.95
C ASP A 352 -9.76 -17.33 -7.09
N GLU A 353 -9.90 -18.67 -6.90
CA GLU A 353 -9.52 -19.70 -7.88
C GLU A 353 -10.17 -19.43 -9.25
N GLU A 354 -11.46 -19.04 -9.24
CA GLU A 354 -12.25 -18.72 -10.43
C GLU A 354 -11.81 -17.39 -11.09
N GLY A 355 -10.98 -16.61 -10.41
CA GLY A 355 -10.46 -15.33 -10.91
C GLY A 355 -11.31 -14.10 -10.60
N ASN A 356 -12.26 -14.24 -9.66
CA ASN A 356 -13.15 -13.14 -9.23
C ASN A 356 -12.51 -12.33 -8.08
N PRO A 357 -12.61 -10.96 -8.10
CA PRO A 357 -12.03 -10.16 -7.00
C PRO A 357 -12.68 -10.43 -5.65
N ILE A 358 -11.86 -10.74 -4.62
CA ILE A 358 -12.31 -10.98 -3.25
C ILE A 358 -12.73 -9.62 -2.66
N ILE A 359 -14.02 -9.48 -2.25
CA ILE A 359 -14.61 -8.24 -1.75
C ILE A 359 -14.73 -8.22 -0.22
N ARG A 360 -14.28 -7.12 0.41
CA ARG A 360 -14.39 -6.89 1.85
C ARG A 360 -15.81 -6.44 2.07
N GLU A 361 -16.70 -7.40 2.35
CA GLU A 361 -18.16 -7.22 2.50
C GLU A 361 -18.54 -6.17 3.55
N GLU A 362 -17.68 -5.98 4.58
CA GLU A 362 -17.93 -5.04 5.66
C GLU A 362 -17.96 -3.60 5.16
N THR A 363 -17.16 -3.33 4.11
CA THR A 363 -17.01 -2.00 3.49
C THR A 363 -17.36 -1.98 1.99
N GLY A 364 -17.57 -3.15 1.39
CA GLY A 364 -17.87 -3.30 -0.03
C GLY A 364 -16.74 -2.77 -0.89
N THR A 365 -15.48 -3.13 -0.52
CA THR A 365 -14.26 -2.63 -1.17
C THR A 365 -13.31 -3.74 -1.63
N TYR A 366 -12.45 -3.37 -2.58
CA TYR A 366 -11.44 -4.24 -3.14
C TYR A 366 -10.28 -4.44 -2.21
N ILE A 367 -9.67 -5.63 -2.32
CA ILE A 367 -8.47 -6.05 -1.61
C ILE A 367 -7.47 -6.27 -2.74
N TYR A 368 -6.29 -5.68 -2.61
CA TYR A 368 -5.23 -5.75 -3.62
C TYR A 368 -4.21 -6.76 -3.17
N GLN A 369 -3.66 -7.51 -4.14
CA GLN A 369 -2.67 -8.58 -3.97
C GLN A 369 -1.31 -8.04 -3.54
N ASP A 370 -0.73 -8.61 -2.48
CA ASP A 370 0.62 -8.22 -2.03
C ASP A 370 1.30 -9.43 -1.45
N THR A 371 2.28 -9.98 -2.20
CA THR A 371 3.05 -11.16 -1.81
C THR A 371 4.54 -10.80 -1.59
N ASN A 372 4.87 -9.48 -1.58
CA ASN A 372 6.20 -8.87 -1.47
C ASN A 372 7.09 -9.31 -2.66
N ASN A 373 6.47 -9.29 -3.85
CA ASN A 373 7.11 -9.63 -5.13
C ASN A 373 6.43 -8.82 -6.21
N SER A 374 7.12 -7.79 -6.70
CA SER A 374 6.58 -6.86 -7.69
C SER A 374 6.47 -7.47 -9.07
N THR A 375 7.26 -8.54 -9.36
CA THR A 375 7.16 -9.25 -10.64
C THR A 375 5.75 -9.89 -10.75
N ASP A 376 5.20 -10.30 -9.60
CA ASP A 376 3.94 -11.00 -9.45
C ASP A 376 2.75 -10.12 -9.07
N ASP A 377 2.97 -9.07 -8.26
CA ASP A 377 1.87 -8.24 -7.74
C ASP A 377 1.42 -7.09 -8.66
N PHE A 378 2.22 -6.72 -9.67
CA PHE A 378 1.88 -5.60 -10.52
C PHE A 378 1.64 -5.92 -11.97
N GLU A 379 0.59 -5.32 -12.54
CA GLU A 379 0.33 -5.31 -13.96
C GLU A 379 1.27 -4.26 -14.52
N ARG A 380 2.04 -4.61 -15.58
CA ARG A 380 3.04 -3.76 -16.18
C ARG A 380 2.57 -3.11 -17.48
N GLY A 381 3.03 -1.88 -17.71
CA GLY A 381 2.75 -1.09 -18.90
C GLY A 381 1.30 -0.74 -19.14
N VAL A 382 0.56 -0.43 -18.05
CA VAL A 382 -0.85 -0.02 -18.10
C VAL A 382 -0.92 1.49 -18.43
N VAL A 383 -2.06 1.96 -18.94
CA VAL A 383 -2.23 3.40 -19.12
C VAL A 383 -2.53 3.93 -17.72
N PRO A 384 -1.71 4.89 -17.17
CA PRO A 384 -1.96 5.38 -15.80
C PRO A 384 -3.36 5.92 -15.60
N VAL A 385 -3.97 5.52 -14.47
CA VAL A 385 -5.31 5.96 -14.05
C VAL A 385 -5.23 6.34 -12.58
N ARG A 387 -7.19 6.73 -9.02
CA ARG A 387 -8.33 6.17 -8.29
C ARG A 387 -9.04 5.09 -9.16
N ARG A 388 -8.23 4.20 -9.76
CA ARG A 388 -8.71 3.09 -10.58
C ARG A 388 -9.53 2.13 -9.70
N ASN A 389 -10.53 1.43 -10.30
CA ASN A 389 -11.44 0.47 -9.66
C ASN A 389 -12.16 1.10 -8.47
N GLY A 390 -12.65 2.32 -8.66
CA GLY A 390 -13.41 3.07 -7.66
C GLY A 390 -12.77 3.32 -6.32
N ALA A 391 -11.46 3.61 -6.29
CA ALA A 391 -10.83 4.00 -5.02
C ALA A 391 -11.41 5.37 -4.61
N LYS A 392 -11.77 5.55 -3.33
CA LYS A 392 -12.44 6.77 -2.90
C LYS A 392 -11.46 7.86 -2.42
N PRO A 394 -10.38 10.86 0.04
CA PRO A 394 -10.72 11.16 1.44
C PRO A 394 -11.43 12.49 1.58
N SER A 395 -12.32 12.61 2.56
CA SER A 395 -13.14 13.80 2.81
C SER A 395 -12.31 15.11 2.97
N TRP A 396 -11.04 15.02 3.41
CA TRP A 396 -10.13 16.16 3.66
C TRP A 396 -9.35 16.64 2.39
N ASN A 397 -9.67 16.11 1.19
CA ASN A 397 -9.05 16.53 -0.06
C ASN A 397 -9.33 18.01 -0.32
N HIS A 398 -8.28 18.75 -0.69
CA HIS A 398 -8.26 20.21 -0.96
C HIS A 398 -9.36 20.69 -1.92
N THR A 399 -9.85 19.83 -2.84
CA THR A 399 -10.90 20.24 -3.80
C THR A 399 -12.30 20.34 -3.17
N LEU A 400 -12.52 19.65 -2.04
CA LEU A 400 -13.80 19.54 -1.32
C LEU A 400 -14.03 20.69 -0.30
#